data_7QCE
#
_entry.id   7QCE
#
_cell.length_a   58.641
_cell.length_b   58.641
_cell.length_c   225.395
_cell.angle_alpha   90.00
_cell.angle_beta   90.00
_cell.angle_gamma   120.00
#
_symmetry.space_group_name_H-M   'P 31 2 1'
#
loop_
_entity.id
_entity.type
_entity.pdbx_description
1 polymer 'VIN3 (Protein VERNALIZATION INSENSITIVE 3)'
2 non-polymer 'ZINC ION'
3 non-polymer DI(HYDROXYETHYL)ETHER
4 water water
#
_entity_poly.entity_id   1
_entity_poly.type   'polypeptide(L)'
_entity_poly.pdbx_seq_one_letter_code
;GPDSMPLKRKEEQVDTLICQNLACRATLSLEDGYCKRCSCCICHCYDENKDPSLWLVCNSDPPYLSNSCGMSCHLKCALK
HETAGILKNGCYPKLDGSFYCVFCGKVNWLIGSWRKQLLIAKDARRVDVLCDRLSLSHKMLKGTEHYKDMQNIVNTAVKK
LKKEVGPLDKVSAVMARGIVNRLNCGTEVQKLCVSAVEAADSMLSSSTD
;
_entity_poly.pdbx_strand_id   A,B
#
# COMPACT_ATOMS: atom_id res chain seq x y z
N ILE A 18 -18.37 -15.99 0.11
CA ILE A 18 -19.19 -14.86 0.62
C ILE A 18 -18.68 -14.40 2.01
N CYS A 19 -18.25 -13.14 2.10
CA CYS A 19 -17.71 -12.54 3.32
C CYS A 19 -18.82 -12.33 4.35
N GLN A 20 -18.55 -12.72 5.60
CA GLN A 20 -19.51 -12.65 6.69
C GLN A 20 -19.59 -11.28 7.33
N ASN A 21 -18.68 -10.37 6.95
CA ASN A 21 -18.70 -8.99 7.37
C ASN A 21 -19.85 -8.25 6.67
N LEU A 22 -20.85 -7.85 7.47
CA LEU A 22 -22.05 -7.13 7.01
C LEU A 22 -21.74 -5.91 6.15
N ALA A 23 -20.67 -5.18 6.49
CA ALA A 23 -20.27 -3.96 5.80
C ALA A 23 -19.29 -4.21 4.64
N CYS A 24 -19.27 -5.45 4.13
CA CYS A 24 -18.37 -5.86 3.04
C CYS A 24 -19.09 -6.83 2.11
N ARG A 25 -19.34 -8.05 2.61
CA ARG A 25 -20.07 -9.14 1.92
C ARG A 25 -19.41 -9.44 0.56
N ALA A 26 -18.10 -9.18 0.42
CA ALA A 26 -17.37 -9.48 -0.79
C ALA A 26 -17.31 -10.99 -0.99
N THR A 27 -17.33 -11.43 -2.24
CA THR A 27 -17.20 -12.84 -2.58
C THR A 27 -15.74 -13.26 -2.38
N LEU A 28 -15.54 -14.36 -1.63
CA LEU A 28 -14.22 -14.92 -1.37
C LEU A 28 -13.91 -16.01 -2.39
N SER A 29 -12.66 -16.52 -2.34
CA SER A 29 -12.21 -17.61 -3.20
C SER A 29 -11.73 -18.79 -2.36
N LEU A 30 -11.32 -19.87 -3.05
CA LEU A 30 -10.72 -21.06 -2.43
C LEU A 30 -9.41 -20.65 -1.76
N GLU A 31 -8.67 -19.74 -2.42
CA GLU A 31 -7.36 -19.25 -1.98
C GLU A 31 -7.37 -18.65 -0.56
N ASP A 32 -8.46 -17.93 -0.24
CA ASP A 32 -8.49 -17.01 0.89
C ASP A 32 -8.64 -17.70 2.25
N GLY A 33 -7.69 -17.42 3.15
CA GLY A 33 -7.83 -17.68 4.56
C GLY A 33 -8.45 -16.48 5.28
N TYR A 34 -8.65 -15.39 4.52
CA TYR A 34 -9.30 -14.13 4.99
C TYR A 34 -9.66 -13.25 3.79
N CYS A 35 -10.67 -12.39 3.97
CA CYS A 35 -11.12 -11.46 2.95
C CYS A 35 -10.21 -10.24 2.87
N LYS A 36 -9.58 -10.05 1.70
CA LYS A 36 -8.57 -9.02 1.49
C LYS A 36 -9.10 -7.59 1.58
N ARG A 37 -10.40 -7.41 1.28
CA ARG A 37 -11.03 -6.08 1.12
C ARG A 37 -11.31 -5.46 2.50
N CYS A 38 -11.78 -6.25 3.46
CA CYS A 38 -12.16 -5.73 4.79
C CYS A 38 -11.24 -6.12 5.96
N SER A 39 -10.42 -7.17 5.77
CA SER A 39 -9.68 -7.78 6.88
C SER A 39 -8.19 -7.46 6.85
N CYS A 40 -7.58 -7.50 8.04
CA CYS A 40 -6.19 -7.16 8.23
C CYS A 40 -5.33 -8.34 7.77
N CYS A 41 -4.26 -8.05 7.03
CA CYS A 41 -3.42 -9.10 6.45
C CYS A 41 -2.44 -9.71 7.46
N ILE A 42 -2.39 -9.16 8.67
CA ILE A 42 -1.58 -9.69 9.77
C ILE A 42 -2.41 -10.61 10.66
N CYS A 43 -3.46 -10.07 11.29
CA CYS A 43 -4.30 -10.83 12.22
C CYS A 43 -5.51 -11.51 11.59
N HIS A 44 -5.77 -11.23 10.29
CA HIS A 44 -6.85 -11.86 9.52
C HIS A 44 -8.26 -11.63 10.08
N CYS A 45 -8.43 -10.50 10.78
CA CYS A 45 -9.71 -10.08 11.35
C CYS A 45 -10.14 -8.77 10.72
N TYR A 46 -11.47 -8.56 10.67
CA TYR A 46 -12.12 -7.28 10.28
C TYR A 46 -12.70 -6.63 11.54
N ASP A 47 -13.02 -5.33 11.45
CA ASP A 47 -13.62 -4.57 12.54
C ASP A 47 -15.12 -4.40 12.30
N GLU A 48 -15.89 -4.39 13.39
CA GLU A 48 -17.35 -4.23 13.34
C GLU A 48 -17.80 -2.89 12.77
N ASN A 49 -17.24 -1.80 13.30
CA ASN A 49 -17.47 -0.44 12.81
C ASN A 49 -16.08 0.09 12.46
N LYS A 50 -15.64 -0.16 11.23
CA LYS A 50 -14.29 0.16 10.82
C LYS A 50 -14.01 1.66 10.92
N ASP A 51 -12.93 2.00 11.64
CA ASP A 51 -12.46 3.36 11.79
C ASP A 51 -11.18 3.45 10.97
N PRO A 52 -11.19 4.13 9.79
CA PRO A 52 -10.02 4.14 8.90
C PRO A 52 -8.73 4.65 9.56
N SER A 53 -8.86 5.53 10.56
CA SER A 53 -7.73 6.09 11.28
C SER A 53 -6.91 5.04 12.06
N LEU A 54 -7.54 3.89 12.34
CA LEU A 54 -6.85 2.77 13.02
C LEU A 54 -6.25 1.76 12.04
N TRP A 55 -6.30 2.07 10.75
CA TRP A 55 -5.82 1.19 9.68
C TRP A 55 -4.76 1.88 8.83
N LEU A 56 -3.88 1.06 8.24
CA LEU A 56 -2.89 1.47 7.27
C LEU A 56 -3.21 0.73 5.98
N VAL A 57 -3.13 1.45 4.85
CA VAL A 57 -3.39 0.90 3.52
C VAL A 57 -2.17 1.11 2.62
N CYS A 58 -1.77 0.07 1.90
CA CYS A 58 -0.73 0.18 0.88
C CYS A 58 -1.33 0.87 -0.34
N ASN A 59 -0.81 2.06 -0.65
CA ASN A 59 -1.31 2.90 -1.74
C ASN A 59 -0.15 3.55 -2.47
N SER A 60 -0.45 4.27 -3.55
CA SER A 60 0.55 4.95 -4.37
C SER A 60 0.50 6.46 -4.21
N ASP A 61 0.08 6.93 -3.03
CA ASP A 61 0.03 8.36 -2.73
C ASP A 61 1.43 8.92 -2.54
N PRO A 62 1.64 10.24 -2.80
CA PRO A 62 2.88 10.91 -2.42
C PRO A 62 3.17 10.68 -0.94
N PRO A 63 4.46 10.52 -0.52
CA PRO A 63 5.60 10.65 -1.43
C PRO A 63 6.10 9.35 -2.08
N TYR A 64 5.32 8.26 -2.03
CA TYR A 64 5.73 6.91 -2.52
C TYR A 64 4.80 6.44 -3.64
N LEU A 65 5.14 6.79 -4.88
CA LEU A 65 4.27 6.61 -6.04
C LEU A 65 4.35 5.24 -6.73
N SER A 66 5.28 4.39 -6.30
CA SER A 66 5.45 3.06 -6.90
C SER A 66 4.17 2.22 -6.76
N ASN A 67 4.07 1.17 -7.58
CA ASN A 67 2.90 0.30 -7.57
C ASN A 67 2.66 -0.34 -6.21
N SER A 68 1.40 -0.28 -5.79
CA SER A 68 0.93 -0.73 -4.48
C SER A 68 -0.05 -1.87 -4.66
N CYS A 69 -0.28 -2.63 -3.59
CA CYS A 69 -1.17 -3.79 -3.66
C CYS A 69 -2.60 -3.53 -3.15
N GLY A 70 -2.81 -2.41 -2.45
CA GLY A 70 -4.09 -2.09 -1.84
C GLY A 70 -4.45 -2.87 -0.57
N MET A 71 -3.53 -3.69 -0.06
CA MET A 71 -3.76 -4.45 1.15
C MET A 71 -3.70 -3.54 2.37
N SER A 72 -4.46 -3.90 3.42
CA SER A 72 -4.59 -3.09 4.62
C SER A 72 -4.28 -3.92 5.86
N CYS A 73 -3.90 -3.22 6.93
CA CYS A 73 -3.71 -3.84 8.23
C CYS A 73 -4.05 -2.85 9.34
N HIS A 74 -4.32 -3.37 10.54
CA HIS A 74 -4.48 -2.56 11.74
C HIS A 74 -3.17 -1.85 11.99
N LEU A 75 -3.24 -0.55 12.29
CA LEU A 75 -2.08 0.21 12.75
C LEU A 75 -1.40 -0.49 13.92
N LYS A 76 -2.21 -0.97 14.87
CA LYS A 76 -1.70 -1.67 16.05
C LYS A 76 -0.96 -2.97 15.70
N CYS A 77 -1.45 -3.67 14.67
CA CYS A 77 -0.82 -4.92 14.22
C CYS A 77 0.55 -4.61 13.59
N ALA A 78 0.62 -3.53 12.80
CA ALA A 78 1.87 -3.10 12.16
C ALA A 78 2.93 -2.68 13.19
N LEU A 79 2.50 -1.96 14.24
CA LEU A 79 3.39 -1.55 15.33
C LEU A 79 3.93 -2.73 16.14
N LYS A 80 3.10 -3.77 16.30
CA LYS A 80 3.42 -4.93 17.15
C LYS A 80 4.34 -5.96 16.49
N HIS A 81 4.43 -5.92 15.16
CA HIS A 81 5.19 -6.91 14.38
C HIS A 81 6.29 -6.27 13.51
N GLU A 82 7.52 -6.79 13.64
CA GLU A 82 8.74 -6.16 13.12
C GLU A 82 8.83 -6.06 11.59
N THR A 83 8.13 -6.97 10.89
CA THR A 83 8.15 -7.07 9.44
C THR A 83 7.69 -5.79 8.73
N ALA A 84 6.93 -4.95 9.45
CA ALA A 84 6.46 -3.65 8.96
C ALA A 84 7.50 -2.52 9.06
N GLY A 85 8.62 -2.79 9.74
CA GLY A 85 9.76 -1.90 9.76
C GLY A 85 9.60 -0.65 10.61
N ILE A 86 8.69 -0.73 11.60
CA ILE A 86 8.45 0.33 12.57
C ILE A 86 9.10 -0.06 13.90
N LEU A 87 8.77 -1.27 14.38
CA LEU A 87 9.38 -1.84 15.57
C LEU A 87 10.79 -2.28 15.19
N LYS A 88 11.81 -1.67 15.84
CA LYS A 88 13.21 -1.94 15.54
C LYS A 88 13.56 -3.40 15.80
N ASN A 89 14.24 -4.02 14.83
CA ASN A 89 14.65 -5.42 14.88
C ASN A 89 15.99 -5.59 14.17
N GLY A 90 16.69 -6.68 14.50
CA GLY A 90 17.95 -7.05 13.86
C GLY A 90 17.82 -7.52 12.42
N CYS A 91 16.63 -8.00 12.04
CA CYS A 91 16.38 -8.65 10.74
C CYS A 91 16.02 -7.71 9.58
N TYR A 92 15.31 -6.62 9.90
CA TYR A 92 14.66 -5.70 8.92
C TYR A 92 15.28 -4.31 9.05
N PRO A 93 15.74 -3.69 7.94
CA PRO A 93 16.22 -2.31 7.98
C PRO A 93 15.09 -1.40 8.47
N LYS A 94 15.26 -0.75 9.62
CA LYS A 94 14.22 0.09 10.19
C LYS A 94 14.05 1.36 9.36
N LEU A 95 12.79 1.75 9.15
CA LEU A 95 12.44 2.97 8.46
C LEU A 95 12.15 4.07 9.47
N ASP A 96 12.28 5.32 9.01
CA ASP A 96 12.06 6.51 9.80
C ASP A 96 10.84 7.24 9.22
N GLY A 97 9.71 7.12 9.92
CA GLY A 97 8.45 7.73 9.53
C GLY A 97 7.72 7.03 8.40
N SER A 98 8.10 5.78 8.12
CA SER A 98 7.50 4.97 7.06
C SER A 98 7.34 3.53 7.52
N PHE A 99 6.58 2.75 6.76
CA PHE A 99 6.40 1.33 7.01
C PHE A 99 6.47 0.53 5.72
N TYR A 100 6.85 -0.74 5.83
CA TYR A 100 6.79 -1.75 4.76
C TYR A 100 5.39 -2.39 4.77
N CYS A 101 4.71 -2.37 3.63
CA CYS A 101 3.51 -3.18 3.46
C CYS A 101 3.94 -4.64 3.64
N VAL A 102 3.23 -5.35 4.53
CA VAL A 102 3.61 -6.71 4.91
C VAL A 102 3.31 -7.72 3.80
N PHE A 103 2.44 -7.34 2.85
CA PHE A 103 2.09 -8.18 1.72
C PHE A 103 3.11 -8.11 0.58
N CYS A 104 3.29 -6.89 0.03
CA CYS A 104 4.12 -6.68 -1.17
C CYS A 104 5.47 -6.03 -0.89
N GLY A 105 5.65 -5.49 0.33
CA GLY A 105 6.91 -4.90 0.75
C GLY A 105 7.08 -3.42 0.43
N LYS A 106 6.13 -2.80 -0.27
CA LYS A 106 6.23 -1.40 -0.63
C LYS A 106 6.34 -0.50 0.62
N VAL A 107 7.25 0.47 0.54
CA VAL A 107 7.39 1.50 1.56
C VAL A 107 6.25 2.51 1.41
N ASN A 108 5.53 2.74 2.51
CA ASN A 108 4.46 3.72 2.62
C ASN A 108 4.76 4.66 3.80
N TRP A 109 4.15 5.84 3.78
CA TRP A 109 4.40 6.89 4.76
C TRP A 109 3.49 6.74 5.98
N LEU A 110 4.03 7.06 7.16
CA LEU A 110 3.28 7.01 8.42
C LEU A 110 2.73 8.35 8.88
N ILE A 111 3.23 9.45 8.30
CA ILE A 111 3.01 10.78 8.87
C ILE A 111 1.54 11.18 8.86
N GLY A 112 0.83 10.83 7.77
CA GLY A 112 -0.60 11.02 7.67
C GLY A 112 -1.34 10.37 8.83
N SER A 113 -1.02 9.09 9.11
CA SER A 113 -1.63 8.37 10.22
C SER A 113 -1.26 8.99 11.59
N TRP A 114 0.02 9.34 11.76
CA TRP A 114 0.54 9.98 12.96
C TRP A 114 -0.21 11.27 13.29
N ARG A 115 -0.43 12.11 12.26
CA ARG A 115 -1.25 13.36 12.34
C ARG A 115 -2.67 13.04 12.80
N LYS A 116 -3.33 12.06 12.17
CA LYS A 116 -4.71 11.73 12.49
C LYS A 116 -4.87 11.35 13.98
N GLN A 117 -3.92 10.57 14.50
CA GLN A 117 -3.97 10.15 15.90
C GLN A 117 -3.97 11.36 16.84
N LEU A 118 -3.12 12.34 16.53
CA LEU A 118 -2.98 13.53 17.36
C LEU A 118 -4.19 14.46 17.28
N LEU A 119 -4.83 14.53 16.10
CA LEU A 119 -6.04 15.33 15.91
C LEU A 119 -7.24 14.80 16.70
N ILE A 120 -7.34 13.46 16.79
CA ILE A 120 -8.37 12.82 17.61
C ILE A 120 -8.03 13.02 19.10
N ALA A 121 -6.75 12.88 19.44
CA ALA A 121 -6.29 13.04 20.82
C ALA A 121 -6.63 14.43 21.38
N LYS A 122 -6.29 15.47 20.61
CA LYS A 122 -6.49 16.85 21.07
C LYS A 122 -7.97 17.23 21.25
N ASP A 123 -8.87 16.52 20.56
CA ASP A 123 -10.32 16.73 20.67
C ASP A 123 -11.03 15.74 21.60
N ALA A 124 -10.29 14.74 22.11
CA ALA A 124 -10.84 13.66 22.93
C ALA A 124 -11.45 14.17 24.24
N ARG A 125 -12.62 13.64 24.59
CA ARG A 125 -13.34 13.92 25.86
C ARG A 125 -13.02 12.81 26.89
N ARG A 126 -12.80 11.58 26.42
CA ARG A 126 -12.58 10.38 27.27
C ARG A 126 -11.08 10.13 27.42
N VAL A 127 -10.64 9.77 28.63
CA VAL A 127 -9.24 9.52 28.95
C VAL A 127 -8.64 8.37 28.12
N ASP A 128 -9.40 7.29 27.97
CA ASP A 128 -8.93 6.11 27.21
C ASP A 128 -8.62 6.43 25.74
N VAL A 129 -9.44 7.29 25.13
CA VAL A 129 -9.20 7.75 23.75
C VAL A 129 -7.87 8.53 23.68
N LEU A 130 -7.70 9.50 24.58
CA LEU A 130 -6.48 10.28 24.69
C LEU A 130 -5.25 9.40 24.85
N CYS A 131 -5.30 8.49 25.83
CA CYS A 131 -4.18 7.58 26.11
C CYS A 131 -3.84 6.70 24.93
N ASP A 132 -4.87 6.08 24.33
CA ASP A 132 -4.72 5.16 23.21
C ASP A 132 -4.10 5.85 21.98
N ARG A 133 -4.64 7.01 21.61
CA ARG A 133 -4.24 7.76 20.39
C ARG A 133 -2.82 8.33 20.56
N LEU A 134 -2.56 8.95 21.72
CA LEU A 134 -1.25 9.50 22.01
C LEU A 134 -0.18 8.42 22.03
N SER A 135 -0.52 7.24 22.57
CA SER A 135 0.41 6.11 22.65
C SER A 135 0.83 5.60 21.27
N LEU A 136 -0.13 5.56 20.34
CA LEU A 136 0.12 5.15 18.96
C LEU A 136 1.11 6.09 18.26
N SER A 137 0.87 7.40 18.37
CA SER A 137 1.76 8.41 17.83
C SER A 137 3.16 8.32 18.42
N HIS A 138 3.22 8.09 19.73
CA HIS A 138 4.47 7.92 20.47
C HIS A 138 5.30 6.77 19.92
N LYS A 139 4.64 5.63 19.63
CA LYS A 139 5.30 4.43 19.11
C LYS A 139 5.70 4.54 17.63
N MET A 140 4.84 5.18 16.83
CA MET A 140 5.01 5.27 15.37
C MET A 140 6.34 5.88 14.97
N LEU A 141 6.79 6.89 15.74
CA LEU A 141 7.99 7.65 15.42
C LEU A 141 9.10 7.52 16.46
N LYS A 142 9.02 6.46 17.28
CA LYS A 142 10.02 6.20 18.29
C LYS A 142 11.37 6.04 17.61
N GLY A 143 12.37 6.79 18.08
CA GLY A 143 13.73 6.74 17.58
C GLY A 143 13.97 7.50 16.28
N THR A 144 13.00 8.32 15.86
CA THR A 144 13.10 9.08 14.62
C THR A 144 14.27 10.07 14.65
N GLU A 145 14.91 10.24 13.49
CA GLU A 145 15.93 11.27 13.29
C GLU A 145 15.36 12.45 12.50
N HIS A 146 14.70 12.14 11.38
CA HIS A 146 14.15 13.14 10.46
C HIS A 146 13.01 13.98 11.05
N TYR A 147 12.27 13.40 12.00
CA TYR A 147 11.05 14.00 12.62
C TYR A 147 11.27 14.22 14.11
N LYS A 148 12.53 14.42 14.53
CA LYS A 148 12.91 14.60 15.94
C LYS A 148 12.13 15.69 16.67
N ASP A 149 11.99 16.86 16.04
CA ASP A 149 11.36 18.03 16.65
C ASP A 149 9.87 17.82 16.93
N MET A 150 9.16 17.26 15.95
CA MET A 150 7.78 16.80 16.08
C MET A 150 7.60 15.85 17.26
N GLN A 151 8.40 14.77 17.25
CA GLN A 151 8.22 13.68 18.19
C GLN A 151 8.61 14.06 19.61
N ASN A 152 9.55 15.00 19.75
CA ASN A 152 9.94 15.52 21.07
C ASN A 152 8.79 16.20 21.80
N ILE A 153 7.88 16.82 21.03
CA ILE A 153 6.65 17.40 21.57
C ILE A 153 5.72 16.29 22.07
N VAL A 154 5.56 15.25 21.26
CA VAL A 154 4.78 14.07 21.63
C VAL A 154 5.36 13.40 22.87
N ASN A 155 6.69 13.27 22.92
CA ASN A 155 7.40 12.68 24.07
C ASN A 155 7.12 13.47 25.33
N THR A 156 7.09 14.81 25.21
CA THR A 156 6.78 15.69 26.32
C THR A 156 5.35 15.45 26.82
N ALA A 157 4.41 15.31 25.87
CA ALA A 157 3.00 15.09 26.19
C ALA A 157 2.80 13.76 26.92
N VAL A 158 3.48 12.72 26.43
CA VAL A 158 3.39 11.37 27.01
C VAL A 158 3.94 11.34 28.43
N LYS A 159 5.11 11.96 28.65
CA LYS A 159 5.74 12.02 29.98
C LYS A 159 4.84 12.74 30.99
N LYS A 160 4.16 13.79 30.56
CA LYS A 160 3.19 14.52 31.36
C LYS A 160 2.00 13.62 31.74
N LEU A 161 1.41 12.96 30.73
CA LEU A 161 0.26 12.10 30.92
C LEU A 161 0.55 10.87 31.80
N LYS A 162 1.74 10.29 31.61
CA LYS A 162 2.20 9.13 32.37
C LYS A 162 2.26 9.38 33.87
N LYS A 163 2.66 10.59 34.26
CA LYS A 163 2.73 11.00 35.65
C LYS A 163 1.37 10.94 36.35
N GLU A 164 0.28 10.99 35.57
CA GLU A 164 -1.08 10.98 36.13
C GLU A 164 -1.87 9.66 35.94
N VAL A 165 -1.56 8.90 34.88
CA VAL A 165 -2.28 7.65 34.57
C VAL A 165 -1.41 6.39 34.47
N GLY A 166 -0.09 6.54 34.63
CA GLY A 166 0.85 5.46 34.45
C GLY A 166 1.09 5.14 32.97
N PRO A 167 1.72 3.98 32.64
CA PRO A 167 1.91 3.58 31.25
C PRO A 167 0.61 3.64 30.46
N LEU A 168 0.62 4.31 29.30
CA LEU A 168 -0.58 4.66 28.56
C LEU A 168 -1.40 3.46 28.11
N ASP A 169 -0.72 2.35 27.81
CA ASP A 169 -1.36 1.13 27.33
C ASP A 169 -1.95 0.27 28.45
N LYS A 170 -1.59 0.60 29.70
CA LYS A 170 -2.02 -0.17 30.86
C LYS A 170 -2.89 0.65 31.82
N VAL A 171 -3.49 1.73 31.30
CA VAL A 171 -4.36 2.61 32.08
C VAL A 171 -5.51 1.81 32.70
N SER A 172 -5.82 2.09 33.97
CA SER A 172 -6.87 1.38 34.70
C SER A 172 -8.25 1.71 34.13
N ALA A 173 -9.20 0.80 34.34
CA ALA A 173 -10.59 0.96 33.90
C ALA A 173 -11.23 2.20 34.52
N VAL A 174 -10.89 2.48 35.79
CA VAL A 174 -11.42 3.64 36.50
C VAL A 174 -10.93 4.96 35.86
N MET A 175 -9.64 5.05 35.56
CA MET A 175 -9.07 6.22 34.91
C MET A 175 -9.60 6.33 33.47
N ALA A 176 -9.72 5.18 32.79
CA ALA A 176 -10.15 5.11 31.38
C ALA A 176 -11.51 5.76 31.11
N ARG A 177 -12.45 5.55 32.02
CA ARG A 177 -13.84 6.10 31.93
C ARG A 177 -13.84 7.60 32.27
N GLY A 178 -12.75 8.11 32.84
CA GLY A 178 -12.63 9.51 33.23
C GLY A 178 -12.72 10.49 32.06
N ILE A 179 -12.97 11.76 32.41
CA ILE A 179 -13.10 12.85 31.45
C ILE A 179 -11.77 13.61 31.42
N VAL A 180 -11.27 13.90 30.21
CA VAL A 180 -9.97 14.53 30.01
C VAL A 180 -9.84 15.88 30.73
N ASN A 181 -10.93 16.67 30.74
CA ASN A 181 -10.97 17.96 31.42
C ASN A 181 -10.76 17.90 32.93
N ARG A 182 -11.04 16.74 33.54
CA ARG A 182 -10.96 16.52 35.01
C ARG A 182 -9.57 16.02 35.39
N LEU A 183 -8.71 15.71 34.41
CA LEU A 183 -7.30 15.43 34.67
C LEU A 183 -6.58 16.74 34.90
N ASN A 184 -5.59 16.72 35.80
CA ASN A 184 -4.77 17.89 36.13
C ASN A 184 -3.97 18.40 34.93
N CYS A 185 -3.53 17.46 34.08
CA CYS A 185 -2.68 17.75 32.92
C CYS A 185 -3.43 17.64 31.57
N GLY A 186 -4.74 17.40 31.62
CA GLY A 186 -5.52 17.11 30.43
C GLY A 186 -5.45 18.15 29.32
N THR A 187 -5.78 19.39 29.68
CA THR A 187 -5.74 20.51 28.74
C THR A 187 -4.33 20.81 28.24
N GLU A 188 -3.34 20.68 29.13
CA GLU A 188 -1.93 20.89 28.79
C GLU A 188 -1.43 19.91 27.74
N VAL A 189 -1.79 18.64 27.92
CA VAL A 189 -1.42 17.57 26.99
C VAL A 189 -2.05 17.80 25.62
N GLN A 190 -3.32 18.21 25.61
CA GLN A 190 -4.05 18.44 24.37
C GLN A 190 -3.51 19.66 23.61
N LYS A 191 -3.04 20.67 24.33
CA LYS A 191 -2.33 21.81 23.75
C LYS A 191 -1.05 21.35 23.04
N LEU A 192 -0.34 20.40 23.66
CA LEU A 192 0.87 19.83 23.08
C LEU A 192 0.58 19.03 21.81
N CYS A 193 -0.58 18.38 21.76
CA CYS A 193 -1.01 17.65 20.58
C CYS A 193 -1.22 18.60 19.40
N VAL A 194 -1.86 19.76 19.67
CA VAL A 194 -2.04 20.81 18.67
C VAL A 194 -0.67 21.29 18.17
N SER A 195 0.25 21.52 19.12
CA SER A 195 1.60 21.94 18.78
C SER A 195 2.32 20.96 17.82
N ALA A 196 2.26 19.65 18.14
CA ALA A 196 2.92 18.61 17.36
C ALA A 196 2.40 18.56 15.91
N VAL A 197 1.10 18.71 15.73
CA VAL A 197 0.47 18.72 14.42
C VAL A 197 0.95 19.92 13.60
N GLU A 198 1.00 21.09 14.24
CA GLU A 198 1.48 22.31 13.59
C GLU A 198 2.93 22.16 13.15
N ALA A 199 3.75 21.53 14.00
CA ALA A 199 5.17 21.31 13.70
C ALA A 199 5.34 20.47 12.44
N ALA A 200 4.52 19.42 12.31
CA ALA A 200 4.51 18.57 11.12
C ALA A 200 4.11 19.34 9.87
N ASP A 201 3.08 20.18 10.00
CA ASP A 201 2.56 20.98 8.89
C ASP A 201 3.56 22.04 8.41
N SER A 202 4.31 22.63 9.36
CA SER A 202 5.29 23.67 9.07
C SER A 202 6.51 23.15 8.33
N MET A 203 7.01 21.99 8.75
CA MET A 203 8.15 21.33 8.10
C MET A 203 7.81 20.85 6.68
N LEU A 204 6.61 20.31 6.50
CA LEU A 204 6.17 19.73 5.23
C LEU A 204 5.31 20.70 4.42
N SER B 39 6.95 14.16 -15.18
CA SER B 39 7.17 13.78 -16.61
C SER B 39 8.09 12.57 -16.75
N CYS B 40 7.90 11.84 -17.85
CA CYS B 40 8.62 10.62 -18.13
C CYS B 40 9.99 10.96 -18.65
N CYS B 41 11.02 10.27 -18.13
CA CYS B 41 12.40 10.61 -18.47
C CYS B 41 12.85 10.06 -19.83
N ILE B 42 11.97 9.28 -20.48
CA ILE B 42 12.20 8.78 -21.83
C ILE B 42 11.57 9.70 -22.88
N CYS B 43 10.23 9.85 -22.82
CA CYS B 43 9.49 10.66 -23.79
C CYS B 43 9.30 12.14 -23.40
N HIS B 44 9.70 12.50 -22.17
CA HIS B 44 9.65 13.88 -21.67
C HIS B 44 8.26 14.52 -21.63
N CYS B 45 7.23 13.66 -21.52
CA CYS B 45 5.83 14.08 -21.44
C CYS B 45 5.26 13.65 -20.09
N TYR B 46 4.25 14.39 -19.63
CA TYR B 46 3.43 14.06 -18.43
C TYR B 46 2.03 13.61 -18.89
N ASP B 47 1.27 12.97 -18.01
CA ASP B 47 -0.12 12.58 -18.26
C ASP B 47 -1.04 13.56 -17.53
N GLU B 48 -2.15 13.92 -18.18
CA GLU B 48 -3.25 14.60 -17.49
C GLU B 48 -4.12 13.50 -16.91
N ASN B 49 -4.34 13.58 -15.59
CA ASN B 49 -4.91 12.50 -14.76
C ASN B 49 -4.00 11.27 -14.73
N LYS B 50 -2.87 11.42 -14.03
CA LYS B 50 -1.84 10.39 -13.97
C LYS B 50 -2.41 9.14 -13.29
N ASP B 51 -2.23 7.99 -13.94
CA ASP B 51 -2.59 6.68 -13.41
C ASP B 51 -1.28 6.00 -13.01
N PRO B 52 -0.97 5.87 -11.70
CA PRO B 52 0.31 5.33 -11.25
C PRO B 52 0.62 3.92 -11.80
N SER B 53 -0.42 3.12 -12.05
CA SER B 53 -0.27 1.77 -12.59
C SER B 53 0.35 1.72 -13.99
N LEU B 54 0.30 2.84 -14.72
CA LEU B 54 0.93 2.94 -16.04
C LEU B 54 2.35 3.51 -16.00
N TRP B 55 2.86 3.72 -14.78
CA TRP B 55 4.19 4.31 -14.56
C TRP B 55 5.09 3.38 -13.75
N LEU B 56 6.40 3.53 -13.97
CA LEU B 56 7.42 2.88 -13.18
C LEU B 56 8.22 3.98 -12.51
N VAL B 57 8.48 3.81 -11.22
CA VAL B 57 9.17 4.79 -10.40
C VAL B 57 10.38 4.13 -9.76
N CYS B 58 11.53 4.82 -9.79
CA CYS B 58 12.72 4.35 -9.11
C CYS B 58 12.55 4.59 -7.62
N ASN B 59 12.57 3.50 -6.84
CA ASN B 59 12.28 3.51 -5.41
C ASN B 59 13.23 2.55 -4.70
N SER B 60 13.16 2.54 -3.36
CA SER B 60 13.99 1.67 -2.53
C SER B 60 13.17 0.58 -1.85
N ASP B 61 12.10 0.11 -2.52
CA ASP B 61 11.26 -0.96 -2.00
C ASP B 61 12.00 -2.30 -2.08
N PRO B 62 11.69 -3.28 -1.20
CA PRO B 62 12.15 -4.65 -1.37
C PRO B 62 11.77 -5.16 -2.75
N PRO B 63 12.60 -6.00 -3.42
CA PRO B 63 13.84 -6.51 -2.85
C PRO B 63 15.11 -5.69 -3.17
N TYR B 64 14.97 -4.44 -3.64
CA TYR B 64 16.11 -3.57 -4.06
C TYR B 64 16.14 -2.29 -3.21
N LEU B 65 16.82 -2.38 -2.06
CA LEU B 65 16.79 -1.36 -1.02
C LEU B 65 17.80 -0.23 -1.17
N SER B 66 18.70 -0.35 -2.16
CA SER B 66 19.72 0.66 -2.45
C SER B 66 19.08 2.03 -2.72
N ASN B 67 19.90 3.08 -2.61
CA ASN B 67 19.44 4.45 -2.82
C ASN B 67 18.89 4.64 -4.23
N SER B 68 17.71 5.28 -4.30
CA SER B 68 16.95 5.49 -5.52
C SER B 68 16.84 6.98 -5.79
N CYS B 69 16.51 7.34 -7.04
CA CYS B 69 16.47 8.74 -7.45
C CYS B 69 15.05 9.35 -7.48
N GLY B 70 14.02 8.51 -7.40
CA GLY B 70 12.64 8.93 -7.48
C GLY B 70 12.12 9.32 -8.86
N MET B 71 12.95 9.15 -9.91
CA MET B 71 12.53 9.47 -11.28
C MET B 71 11.58 8.40 -11.82
N SER B 72 10.70 8.81 -12.73
CA SER B 72 9.66 7.95 -13.28
C SER B 72 9.70 7.90 -14.80
N CYS B 73 9.08 6.85 -15.35
CA CYS B 73 8.82 6.74 -16.78
C CYS B 73 7.51 5.96 -17.00
N HIS B 74 6.92 6.14 -18.19
CA HIS B 74 5.79 5.35 -18.62
C HIS B 74 6.24 3.89 -18.71
N LEU B 75 5.41 2.98 -18.19
CA LEU B 75 5.65 1.55 -18.37
C LEU B 75 5.81 1.21 -19.85
N LYS B 76 4.94 1.80 -20.69
CA LYS B 76 4.98 1.58 -22.14
C LYS B 76 6.27 2.07 -22.77
N CYS B 77 6.82 3.19 -22.27
CA CYS B 77 8.06 3.74 -22.78
C CYS B 77 9.23 2.81 -22.44
N ALA B 78 9.23 2.27 -21.21
CA ALA B 78 10.27 1.33 -20.77
C ALA B 78 10.27 0.03 -21.60
N LEU B 79 9.07 -0.49 -21.90
CA LEU B 79 8.91 -1.69 -22.72
C LEU B 79 9.38 -1.49 -24.17
N LYS B 80 9.15 -0.28 -24.70
CA LYS B 80 9.41 0.04 -26.10
C LYS B 80 10.89 0.33 -26.42
N HIS B 81 11.68 0.67 -25.39
CA HIS B 81 13.08 1.07 -25.55
C HIS B 81 14.06 0.21 -24.75
N PRO B 93 22.87 -5.89 -20.38
CA PRO B 93 22.72 -7.16 -19.66
C PRO B 93 21.26 -7.35 -19.23
N LYS B 94 20.61 -8.40 -19.74
CA LYS B 94 19.18 -8.59 -19.56
C LYS B 94 18.84 -8.95 -18.12
N LEU B 95 17.78 -8.32 -17.61
CA LEU B 95 17.24 -8.61 -16.29
C LEU B 95 16.05 -9.53 -16.44
N ASP B 96 15.74 -10.27 -15.38
CA ASP B 96 14.61 -11.17 -15.32
C ASP B 96 13.65 -10.67 -14.25
N GLY B 97 12.55 -10.04 -14.68
CA GLY B 97 11.53 -9.54 -13.78
C GLY B 97 11.87 -8.22 -13.09
N SER B 98 12.85 -7.51 -13.66
CA SER B 98 13.34 -6.24 -13.14
C SER B 98 13.65 -5.28 -14.29
N PHE B 99 13.83 -4.00 -13.96
CA PHE B 99 14.22 -2.98 -14.92
C PHE B 99 15.30 -2.06 -14.34
N TYR B 100 16.10 -1.47 -15.24
CA TYR B 100 17.08 -0.40 -14.93
C TYR B 100 16.37 0.96 -14.97
N CYS B 101 16.46 1.74 -13.89
CA CYS B 101 16.05 3.14 -13.95
C CYS B 101 16.95 3.82 -14.99
N VAL B 102 16.34 4.48 -15.97
CA VAL B 102 17.08 5.06 -17.09
C VAL B 102 17.88 6.30 -16.69
N PHE B 103 17.51 6.90 -15.55
CA PHE B 103 18.21 8.08 -15.03
C PHE B 103 19.48 7.70 -14.24
N CYS B 104 19.31 6.92 -13.17
CA CYS B 104 20.42 6.59 -12.25
C CYS B 104 20.98 5.18 -12.41
N GLY B 105 20.27 4.31 -13.14
CA GLY B 105 20.71 2.96 -13.42
C GLY B 105 20.32 1.89 -12.41
N LYS B 106 19.71 2.30 -11.29
CA LYS B 106 19.31 1.36 -10.25
C LYS B 106 18.34 0.29 -10.79
N VAL B 107 18.58 -0.96 -10.38
CA VAL B 107 17.70 -2.07 -10.67
C VAL B 107 16.49 -1.98 -9.75
N ASN B 108 15.29 -2.03 -10.34
CA ASN B 108 14.03 -2.04 -9.63
C ASN B 108 13.20 -3.24 -10.11
N TRP B 109 12.23 -3.65 -9.29
CA TRP B 109 11.41 -4.84 -9.54
C TRP B 109 10.20 -4.51 -10.39
N LEU B 110 9.83 -5.45 -11.27
CA LEU B 110 8.65 -5.30 -12.15
C LEU B 110 7.40 -5.99 -11.64
N ILE B 111 7.56 -6.91 -10.68
CA ILE B 111 6.49 -7.86 -10.33
C ILE B 111 5.25 -7.15 -9.76
N GLY B 112 5.47 -6.10 -8.96
CA GLY B 112 4.41 -5.25 -8.46
C GLY B 112 3.56 -4.69 -9.59
N SER B 113 4.22 -4.12 -10.60
CA SER B 113 3.53 -3.57 -11.78
C SER B 113 2.80 -4.67 -12.58
N TRP B 114 3.50 -5.80 -12.78
CA TRP B 114 2.97 -6.96 -13.49
C TRP B 114 1.66 -7.46 -12.87
N ARG B 115 1.64 -7.57 -11.54
CA ARG B 115 0.45 -7.93 -10.73
C ARG B 115 -0.69 -6.94 -10.99
N LYS B 116 -0.41 -5.64 -10.87
CA LYS B 116 -1.42 -4.61 -11.01
C LYS B 116 -2.11 -4.68 -12.38
N GLN B 117 -1.33 -4.91 -13.45
CA GLN B 117 -1.89 -5.01 -14.80
C GLN B 117 -2.92 -6.14 -14.90
N LEU B 118 -2.60 -7.28 -14.29
CA LEU B 118 -3.47 -8.45 -14.34
C LEU B 118 -4.74 -8.24 -13.51
N LEU B 119 -4.62 -7.53 -12.39
CA LEU B 119 -5.77 -7.24 -11.53
C LEU B 119 -6.77 -6.27 -12.16
N ILE B 120 -6.28 -5.32 -12.96
CA ILE B 120 -7.14 -4.43 -13.74
C ILE B 120 -7.77 -5.22 -14.89
N ALA B 121 -6.99 -6.08 -15.54
CA ALA B 121 -7.48 -6.93 -16.63
C ALA B 121 -8.66 -7.81 -16.19
N LYS B 122 -8.49 -8.51 -15.06
CA LYS B 122 -9.50 -9.44 -14.58
C LYS B 122 -10.82 -8.76 -14.16
N ASP B 123 -10.76 -7.46 -13.83
CA ASP B 123 -11.93 -6.67 -13.46
C ASP B 123 -12.48 -5.80 -14.59
N ALA B 124 -11.80 -5.81 -15.74
CA ALA B 124 -12.16 -4.98 -16.89
C ALA B 124 -13.51 -5.37 -17.47
N ARG B 125 -14.32 -4.35 -17.79
CA ARG B 125 -15.63 -4.47 -18.49
C ARG B 125 -15.43 -4.23 -19.99
N ARG B 126 -14.47 -3.39 -20.36
CA ARG B 126 -14.20 -2.99 -21.78
C ARG B 126 -13.10 -3.86 -22.38
N VAL B 127 -13.26 -4.28 -23.63
CA VAL B 127 -12.32 -5.16 -24.31
C VAL B 127 -10.92 -4.52 -24.45
N ASP B 128 -10.88 -3.23 -24.82
CA ASP B 128 -9.61 -2.52 -24.99
C ASP B 128 -8.76 -2.47 -23.70
N VAL B 129 -9.42 -2.31 -22.55
CA VAL B 129 -8.73 -2.34 -21.25
C VAL B 129 -8.10 -3.72 -21.02
N LEU B 130 -8.91 -4.77 -21.20
CA LEU B 130 -8.46 -6.15 -21.07
C LEU B 130 -7.25 -6.41 -21.97
N CYS B 131 -7.38 -6.09 -23.26
CA CYS B 131 -6.31 -6.33 -24.24
C CYS B 131 -5.03 -5.57 -23.89
N ASP B 132 -5.17 -4.28 -23.57
CA ASP B 132 -4.06 -3.40 -23.25
C ASP B 132 -3.27 -3.88 -22.01
N ARG B 133 -4.00 -4.19 -20.94
CA ARG B 133 -3.41 -4.55 -19.62
C ARG B 133 -2.78 -5.95 -19.70
N LEU B 134 -3.48 -6.91 -20.30
CA LEU B 134 -2.94 -8.26 -20.47
C LEU B 134 -1.69 -8.24 -21.34
N SER B 135 -1.70 -7.40 -22.40
CA SER B 135 -0.56 -7.27 -23.30
C SER B 135 0.70 -6.76 -22.60
N LEU B 136 0.53 -5.78 -21.70
CA LEU B 136 1.62 -5.23 -20.91
C LEU B 136 2.28 -6.30 -20.02
N SER B 137 1.46 -7.07 -19.29
CA SER B 137 1.95 -8.18 -18.47
C SER B 137 2.69 -9.23 -19.30
N HIS B 138 2.12 -9.53 -20.47
CA HIS B 138 2.70 -10.48 -21.42
C HIS B 138 4.11 -10.06 -21.86
N LYS B 139 4.30 -8.76 -22.14
CA LYS B 139 5.59 -8.21 -22.56
C LYS B 139 6.61 -8.07 -21.41
N MET B 140 6.13 -7.67 -20.23
CA MET B 140 6.97 -7.37 -19.07
C MET B 140 7.87 -8.53 -18.65
N LEU B 141 7.36 -9.76 -18.79
CA LEU B 141 8.06 -10.96 -18.35
C LEU B 141 8.38 -11.93 -19.48
N LYS B 142 8.34 -11.43 -20.72
CA LYS B 142 8.66 -12.24 -21.89
C LYS B 142 10.08 -12.78 -21.74
N GLY B 143 10.22 -14.09 -21.89
CA GLY B 143 11.50 -14.77 -21.82
C GLY B 143 12.03 -15.02 -20.40
N THR B 144 11.17 -14.82 -19.40
CA THR B 144 11.55 -15.03 -18.00
C THR B 144 11.93 -16.50 -17.74
N GLU B 145 12.91 -16.70 -16.85
CA GLU B 145 13.29 -18.02 -16.35
C GLU B 145 12.76 -18.22 -14.94
N HIS B 146 12.99 -17.24 -14.06
CA HIS B 146 12.62 -17.31 -12.65
C HIS B 146 11.10 -17.32 -12.42
N TYR B 147 10.35 -16.71 -13.33
CA TYR B 147 8.87 -16.51 -13.22
C TYR B 147 8.15 -17.28 -14.34
N LYS B 148 8.76 -18.35 -14.85
CA LYS B 148 8.25 -19.12 -15.99
C LYS B 148 6.82 -19.64 -15.79
N ASP B 149 6.54 -20.19 -14.61
CA ASP B 149 5.25 -20.82 -14.33
C ASP B 149 4.11 -19.81 -14.28
N MET B 150 4.35 -18.67 -13.63
CA MET B 150 3.47 -17.49 -13.65
C MET B 150 3.14 -17.05 -15.07
N GLN B 151 4.21 -16.77 -15.85
CA GLN B 151 4.07 -16.15 -17.15
C GLN B 151 3.44 -17.11 -18.18
N ASN B 152 3.64 -18.42 -17.99
CA ASN B 152 3.01 -19.43 -18.85
C ASN B 152 1.48 -19.41 -18.77
N ILE B 153 0.96 -19.05 -17.59
CA ILE B 153 -0.47 -18.81 -17.39
C ILE B 153 -0.93 -17.58 -18.19
N VAL B 154 -0.15 -16.50 -18.11
CA VAL B 154 -0.40 -15.29 -18.88
C VAL B 154 -0.35 -15.58 -20.40
N ASN B 155 0.66 -16.35 -20.81
CA ASN B 155 0.81 -16.75 -22.22
C ASN B 155 -0.40 -17.53 -22.70
N THR B 156 -0.94 -18.41 -21.84
CA THR B 156 -2.14 -19.17 -22.14
C THR B 156 -3.33 -18.23 -22.31
N ALA B 157 -3.45 -17.22 -21.44
CA ALA B 157 -4.55 -16.26 -21.48
C ALA B 157 -4.52 -15.44 -22.76
N VAL B 158 -3.31 -15.00 -23.15
CA VAL B 158 -3.11 -14.21 -24.36
C VAL B 158 -3.47 -15.01 -25.62
N LYS B 159 -3.00 -16.25 -25.70
CA LYS B 159 -3.28 -17.12 -26.85
C LYS B 159 -4.78 -17.40 -27.00
N LYS B 160 -5.49 -17.53 -25.87
CA LYS B 160 -6.95 -17.68 -25.84
C LYS B 160 -7.63 -16.42 -26.38
N LEU B 161 -7.24 -15.25 -25.85
CA LEU B 161 -7.82 -13.97 -26.25
C LEU B 161 -7.55 -13.62 -27.72
N LYS B 162 -6.33 -13.93 -28.19
CA LYS B 162 -5.92 -13.68 -29.57
C LYS B 162 -6.80 -14.40 -30.60
N LYS B 163 -7.22 -15.63 -30.26
CA LYS B 163 -8.12 -16.42 -31.11
C LYS B 163 -9.46 -15.73 -31.36
N GLU B 164 -9.84 -14.79 -30.50
CA GLU B 164 -11.11 -14.08 -30.62
C GLU B 164 -11.03 -12.61 -31.04
N VAL B 165 -9.90 -11.93 -30.76
CA VAL B 165 -9.73 -10.51 -31.10
C VAL B 165 -8.52 -10.16 -31.98
N GLY B 166 -7.74 -11.19 -32.35
CA GLY B 166 -6.49 -11.00 -33.09
C GLY B 166 -5.37 -10.48 -32.19
N PRO B 167 -4.24 -10.02 -32.77
CA PRO B 167 -3.14 -9.44 -31.99
C PRO B 167 -3.66 -8.34 -31.05
N LEU B 168 -3.29 -8.43 -29.77
CA LEU B 168 -3.89 -7.61 -28.71
C LEU B 168 -3.66 -6.10 -28.92
N ASP B 169 -2.49 -5.76 -29.48
CA ASP B 169 -2.10 -4.38 -29.68
C ASP B 169 -2.69 -3.77 -30.96
N LYS B 170 -3.27 -4.63 -31.82
CA LYS B 170 -3.83 -4.20 -33.09
C LYS B 170 -5.35 -4.41 -33.17
N VAL B 171 -5.99 -4.52 -32.01
CA VAL B 171 -7.43 -4.74 -31.92
C VAL B 171 -8.18 -3.61 -32.64
N SER B 172 -9.22 -3.97 -33.39
CA SER B 172 -10.03 -3.00 -34.15
C SER B 172 -10.82 -2.12 -33.18
N ALA B 173 -11.19 -0.92 -33.66
CA ALA B 173 -11.99 0.04 -32.91
C ALA B 173 -13.34 -0.53 -32.51
N VAL B 174 -13.94 -1.32 -33.42
CA VAL B 174 -15.23 -1.97 -33.16
C VAL B 174 -15.13 -2.99 -32.00
N MET B 175 -14.09 -3.84 -32.04
CA MET B 175 -13.87 -4.82 -30.97
C MET B 175 -13.49 -4.13 -29.66
N ALA B 176 -12.70 -3.05 -29.76
CA ALA B 176 -12.22 -2.27 -28.61
C ALA B 176 -13.34 -1.74 -27.71
N ARG B 177 -14.42 -1.25 -28.33
CA ARG B 177 -15.63 -0.70 -27.66
C ARG B 177 -16.46 -1.83 -27.04
N GLY B 178 -16.20 -3.09 -27.42
CA GLY B 178 -16.96 -4.24 -26.96
C GLY B 178 -16.87 -4.48 -25.46
N ILE B 179 -17.81 -5.28 -24.95
CA ILE B 179 -17.91 -5.64 -23.54
C ILE B 179 -17.31 -7.04 -23.35
N VAL B 180 -16.47 -7.17 -22.32
CA VAL B 180 -15.73 -8.42 -22.06
C VAL B 180 -16.65 -9.61 -21.83
N ASN B 181 -17.78 -9.37 -21.16
CA ASN B 181 -18.79 -10.41 -20.92
C ASN B 181 -19.42 -11.02 -22.17
N ARG B 182 -19.39 -10.27 -23.28
CA ARG B 182 -19.99 -10.66 -24.58
C ARG B 182 -18.97 -11.44 -25.43
N LEU B 183 -17.71 -11.52 -24.99
CA LEU B 183 -16.72 -12.39 -25.61
C LEU B 183 -16.96 -13.81 -25.14
N ASN B 184 -16.76 -14.77 -26.05
CA ASN B 184 -16.91 -16.20 -25.76
C ASN B 184 -15.91 -16.68 -24.71
N CYS B 185 -14.71 -16.10 -24.73
CA CYS B 185 -13.60 -16.48 -23.87
C CYS B 185 -13.31 -15.49 -22.74
N GLY B 186 -14.16 -14.46 -22.62
CA GLY B 186 -13.98 -13.37 -21.66
C GLY B 186 -13.77 -13.84 -20.23
N THR B 187 -14.73 -14.62 -19.71
CA THR B 187 -14.70 -15.14 -18.35
C THR B 187 -13.50 -16.06 -18.11
N GLU B 188 -13.20 -16.92 -19.10
CA GLU B 188 -12.08 -17.85 -19.04
C GLU B 188 -10.74 -17.14 -18.93
N VAL B 189 -10.54 -16.11 -19.76
CA VAL B 189 -9.32 -15.31 -19.77
C VAL B 189 -9.12 -14.59 -18.44
N GLN B 190 -10.21 -14.03 -17.90
CA GLN B 190 -10.15 -13.28 -16.64
C GLN B 190 -9.86 -14.20 -15.46
N LYS B 191 -10.37 -15.44 -15.51
CA LYS B 191 -10.04 -16.48 -14.53
C LYS B 191 -8.54 -16.79 -14.56
N LEU B 192 -7.96 -16.84 -15.77
CA LEU B 192 -6.53 -17.08 -15.94
C LEU B 192 -5.68 -15.96 -15.36
N CYS B 193 -6.18 -14.71 -15.47
CA CYS B 193 -5.52 -13.54 -14.88
C CYS B 193 -5.45 -13.68 -13.36
N VAL B 194 -6.56 -14.10 -12.75
CA VAL B 194 -6.64 -14.35 -11.30
C VAL B 194 -5.64 -15.43 -10.92
N SER B 195 -5.61 -16.51 -11.71
CA SER B 195 -4.69 -17.62 -11.47
C SER B 195 -3.22 -17.16 -11.45
N ALA B 196 -2.83 -16.36 -12.44
CA ALA B 196 -1.45 -15.87 -12.57
C ALA B 196 -1.02 -15.04 -11.34
N VAL B 197 -1.93 -14.20 -10.85
CA VAL B 197 -1.68 -13.36 -9.68
C VAL B 197 -1.50 -14.22 -8.44
N GLU B 198 -2.35 -15.24 -8.28
CA GLU B 198 -2.26 -16.18 -7.16
C GLU B 198 -0.92 -16.91 -7.15
N ALA B 199 -0.47 -17.31 -8.35
CA ALA B 199 0.80 -18.02 -8.51
C ALA B 199 1.97 -17.14 -8.03
N ALA B 200 1.94 -15.85 -8.38
CA ALA B 200 2.93 -14.88 -7.94
C ALA B 200 2.93 -14.72 -6.42
N ASP B 201 1.73 -14.64 -5.83
CA ASP B 201 1.55 -14.44 -4.39
C ASP B 201 2.01 -15.67 -3.58
N SER B 202 1.81 -16.87 -4.14
CA SER B 202 2.26 -18.12 -3.53
C SER B 202 3.79 -18.22 -3.48
N MET B 203 4.47 -17.66 -4.48
CA MET B 203 5.93 -17.49 -4.44
C MET B 203 6.28 -16.08 -3.98
#